data_7KXE
#
_entry.id   7KXE
#
_cell.length_a   61.465
_cell.length_b   61.465
_cell.length_c   156.755
_cell.angle_alpha   90.00
_cell.angle_beta   90.00
_cell.angle_gamma   90.00
#
_symmetry.space_group_name_H-M   'P 41 21 2'
#
loop_
_entity.id
_entity.type
_entity.pdbx_description
1 polymer 'Nuclear receptor ROR-gamma, Nuclear receptor coactivator 1 chimera'
2 non-polymer N-{3,5-dichloro-4-[4-methoxy-3-(propan-2-yl)phenoxy]phenyl}-2-(pyridin-3-yl)acetamide
3 water water
#
_entity_poly.entity_id   1
_entity_poly.type   'polypeptide(L)'
_entity_poly.pdbx_seq_one_letter_code
;MGSSHHHHHHSSGLVPRGSHMASLTEIEHLVQSVCKSYRETCQLRLEDLLRQRSNIFSREEVTGYQRKSMWEMWERCAHH
LTEAIQYVVEFAKRLSGFMELCQNDQIVLLKAGAMEVVLVRMCRAYNADNRTVFFEGKYGGMELFRALGCSELISSIFDF
SHSLSALHFSEDEIALYTALVLINAHRPGLQEKRKVEQLQYNLELAFHHHLCKTHRQSILAKLPPKGKLRSLCSQHVERL
QIFQHLHPIVVQAAFPPLYKELFSTSGGSGGLTERHKILHRLLQE
;
_entity_poly.pdbx_strand_id   A
#
# COMPACT_ATOMS: atom_id res chain seq x y z
N MET A 21 -26.74 -8.10 -14.01
CA MET A 21 -25.40 -7.75 -14.45
C MET A 21 -24.36 -8.74 -13.92
N ALA A 22 -23.29 -8.95 -14.70
CA ALA A 22 -22.16 -9.86 -14.44
C ALA A 22 -22.57 -11.30 -14.09
N SER A 23 -22.33 -12.23 -15.03
CA SER A 23 -22.54 -13.68 -14.93
C SER A 23 -21.28 -14.32 -14.31
N LEU A 24 -21.29 -15.64 -14.08
CA LEU A 24 -20.15 -16.32 -13.48
C LEU A 24 -18.86 -16.27 -14.32
N THR A 25 -18.99 -16.40 -15.64
CA THR A 25 -17.82 -16.42 -16.53
C THR A 25 -17.14 -15.02 -16.58
N GLU A 26 -17.93 -13.95 -16.52
CA GLU A 26 -17.46 -12.56 -16.46
C GLU A 26 -16.74 -12.28 -15.13
N ILE A 27 -17.23 -12.88 -14.02
CA ILE A 27 -16.60 -12.75 -12.71
C ILE A 27 -15.24 -13.45 -12.71
N GLU A 28 -15.16 -14.64 -13.31
CA GLU A 28 -13.87 -15.34 -13.40
C GLU A 28 -12.91 -14.57 -14.30
N HIS A 29 -13.41 -13.92 -15.35
CA HIS A 29 -12.55 -13.12 -16.23
C HIS A 29 -12.01 -11.92 -15.44
N LEU A 30 -12.85 -11.31 -14.59
CA LEU A 30 -12.42 -10.21 -13.73
C LEU A 30 -11.31 -10.66 -12.76
N VAL A 31 -11.43 -11.86 -12.17
CA VAL A 31 -10.44 -12.42 -11.25
C VAL A 31 -9.05 -12.45 -11.91
N GLN A 32 -8.98 -13.01 -13.12
CA GLN A 32 -7.73 -13.14 -13.83
C GLN A 32 -7.17 -11.83 -14.30
N SER A 33 -8.04 -10.93 -14.72
CA SER A 33 -7.64 -9.61 -15.12
C SER A 33 -6.97 -8.85 -13.93
N VAL A 34 -7.57 -8.91 -12.74
CA VAL A 34 -7.03 -8.23 -11.56
C VAL A 34 -5.71 -8.83 -11.15
N CYS A 35 -5.61 -10.18 -11.19
CA CYS A 35 -4.36 -10.84 -10.83
C CYS A 35 -3.22 -10.50 -11.77
N LYS A 36 -3.51 -10.45 -13.06
CA LYS A 36 -2.56 -10.08 -14.11
C LYS A 36 -2.10 -8.63 -13.86
N SER A 37 -3.04 -7.69 -13.64
CA SER A 37 -2.72 -6.28 -13.39
C SER A 37 -1.83 -6.09 -12.16
N TYR A 38 -2.04 -6.93 -11.15
CA TYR A 38 -1.26 -6.90 -9.95
C TYR A 38 0.15 -7.42 -10.19
N ARG A 39 0.32 -8.56 -10.89
CA ARG A 39 1.64 -9.14 -11.18
C ARG A 39 2.50 -8.16 -11.96
N GLU A 40 1.91 -7.51 -12.99
CA GLU A 40 2.56 -6.52 -13.86
C GLU A 40 3.01 -5.25 -13.14
N THR A 41 2.38 -4.91 -12.02
CA THR A 41 2.67 -3.66 -11.31
C THR A 41 3.26 -3.88 -9.92
N CYS A 42 3.85 -5.05 -9.67
CA CYS A 42 4.50 -5.31 -8.40
C CYS A 42 5.83 -4.59 -8.40
N GLN A 43 6.18 -3.93 -7.28
CA GLN A 43 7.47 -3.22 -7.19
C GLN A 43 8.63 -4.24 -7.23
N LEU A 44 8.43 -5.38 -6.55
CA LEU A 44 9.37 -6.47 -6.53
C LEU A 44 8.57 -7.76 -6.52
N ARG A 45 8.96 -8.76 -7.32
CA ARG A 45 8.30 -10.09 -7.32
C ARG A 45 8.43 -10.70 -5.94
N LEU A 46 7.44 -11.48 -5.50
CA LEU A 46 7.46 -12.11 -4.19
C LEU A 46 8.74 -12.95 -3.96
N GLU A 47 9.17 -13.70 -4.99
CA GLU A 47 10.38 -14.52 -4.90
C GLU A 47 11.65 -13.71 -4.69
N ASP A 48 11.72 -12.49 -5.25
CA ASP A 48 12.86 -11.61 -5.02
C ASP A 48 12.97 -11.25 -3.54
N LEU A 49 11.83 -11.05 -2.85
CA LEU A 49 11.77 -10.71 -1.43
C LEU A 49 12.03 -11.89 -0.51
N LEU A 50 11.64 -13.10 -0.92
CA LEU A 50 11.84 -14.29 -0.12
C LEU A 50 13.29 -14.70 -0.16
N ARG A 51 13.92 -14.67 -1.37
CA ARG A 51 15.34 -15.05 -1.54
C ARG A 51 16.31 -14.21 -0.72
N GLN A 52 15.87 -12.99 -0.33
CA GLN A 52 16.68 -12.06 0.45
C GLN A 52 16.51 -12.19 1.96
N ARG A 53 15.66 -13.12 2.44
CA ARG A 53 15.35 -13.24 3.86
C ARG A 53 16.54 -13.52 4.81
N SER A 54 17.64 -14.11 4.32
CA SER A 54 18.82 -14.32 5.16
C SER A 54 19.78 -13.11 5.14
N ASN A 55 19.54 -12.11 4.28
CA ASN A 55 20.34 -10.88 4.14
C ASN A 55 19.76 -9.87 5.14
N ILE A 56 20.27 -9.90 6.38
CA ILE A 56 19.83 -9.10 7.49
C ILE A 56 20.87 -8.06 7.88
N PHE A 57 20.43 -6.84 8.20
CA PHE A 57 21.30 -5.75 8.64
C PHE A 57 22.02 -6.14 9.91
N SER A 58 23.36 -5.99 9.91
CA SER A 58 24.17 -6.30 11.08
C SER A 58 23.94 -5.27 12.17
N ARG A 59 24.32 -5.59 13.42
CA ARG A 59 24.19 -4.67 14.56
C ARG A 59 24.82 -3.29 14.27
N GLU A 60 25.91 -3.27 13.49
CA GLU A 60 26.64 -2.06 13.10
C GLU A 60 25.86 -1.25 12.08
N GLU A 61 25.22 -1.92 11.12
CA GLU A 61 24.41 -1.23 10.13
C GLU A 61 23.16 -0.64 10.79
N VAL A 62 22.59 -1.33 11.78
CA VAL A 62 21.43 -0.82 12.52
C VAL A 62 21.79 0.46 13.28
N THR A 63 22.94 0.46 13.98
CA THR A 63 23.44 1.64 14.69
C THR A 63 23.65 2.80 13.70
N GLY A 64 24.19 2.49 12.51
CA GLY A 64 24.36 3.45 11.43
C GLY A 64 23.06 4.15 11.06
N TYR A 65 21.97 3.38 10.91
CA TYR A 65 20.67 3.94 10.62
C TYR A 65 20.12 4.78 11.76
N GLN A 66 20.31 4.32 13.00
CA GLN A 66 19.84 5.01 14.19
C GLN A 66 20.52 6.37 14.35
N ARG A 67 21.82 6.43 14.02
CA ARG A 67 22.64 7.64 14.12
C ARG A 67 22.38 8.65 13.02
N LYS A 68 21.66 8.28 11.94
CA LYS A 68 21.30 9.23 10.89
C LYS A 68 20.40 10.33 11.46
N SER A 69 20.43 11.52 10.82
CA SER A 69 19.58 12.60 11.29
C SER A 69 18.12 12.26 10.96
N MET A 70 17.21 12.80 11.77
CA MET A 70 15.78 12.58 11.60
C MET A 70 15.32 13.00 10.18
N TRP A 71 15.78 14.17 9.72
CA TRP A 71 15.39 14.66 8.40
C TRP A 71 15.97 13.80 7.26
N GLU A 72 17.17 13.23 7.42
CA GLU A 72 17.72 12.36 6.37
C GLU A 72 16.92 11.04 6.28
N MET A 73 16.51 10.48 7.43
CA MET A 73 15.72 9.26 7.42
C MET A 73 14.30 9.48 6.86
N TRP A 74 13.71 10.64 7.18
CA TRP A 74 12.38 11.03 6.69
C TRP A 74 12.39 11.20 5.16
N GLU A 75 13.46 11.77 4.63
CA GLU A 75 13.63 11.94 3.20
C GLU A 75 13.79 10.58 2.51
N ARG A 76 14.57 9.68 3.12
CA ARG A 76 14.76 8.33 2.54
C ARG A 76 13.45 7.54 2.49
N CYS A 77 12.71 7.54 3.59
CA CYS A 77 11.42 6.89 3.65
C CYS A 77 10.42 7.53 2.69
N ALA A 78 10.33 8.88 2.62
CA ALA A 78 9.39 9.52 1.69
C ALA A 78 9.72 9.19 0.26
N HIS A 79 11.02 9.02 -0.08
CA HIS A 79 11.42 8.63 -1.44
C HIS A 79 10.98 7.17 -1.72
N HIS A 80 11.12 6.25 -0.75
CA HIS A 80 10.74 4.86 -1.00
C HIS A 80 9.23 4.71 -1.12
N LEU A 81 8.47 5.44 -0.28
CA LEU A 81 7.03 5.40 -0.35
C LEU A 81 6.54 5.97 -1.69
N THR A 82 7.19 7.03 -2.18
CA THR A 82 6.81 7.63 -3.47
C THR A 82 6.94 6.62 -4.60
N GLU A 83 8.03 5.83 -4.61
CA GLU A 83 8.30 4.79 -5.61
C GLU A 83 7.20 3.73 -5.56
N ALA A 84 6.86 3.26 -4.35
CA ALA A 84 5.79 2.27 -4.11
C ALA A 84 4.42 2.81 -4.58
N ILE A 85 4.10 4.08 -4.30
CA ILE A 85 2.87 4.73 -4.75
C ILE A 85 2.82 4.78 -6.27
N GLN A 86 3.97 5.02 -6.93
CA GLN A 86 4.00 5.03 -8.40
C GLN A 86 3.57 3.70 -8.99
N TYR A 87 3.90 2.58 -8.32
CA TYR A 87 3.48 1.24 -8.78
C TYR A 87 1.97 1.03 -8.56
N VAL A 88 1.43 1.64 -7.46
CA VAL A 88 0.02 1.61 -7.11
C VAL A 88 -0.79 2.39 -8.14
N VAL A 89 -0.29 3.56 -8.58
CA VAL A 89 -0.95 4.34 -9.62
C VAL A 89 -1.04 3.52 -10.93
N GLU A 90 0.02 2.83 -11.30
CA GLU A 90 0.07 1.94 -12.47
C GLU A 90 -0.91 0.75 -12.36
N PHE A 91 -1.06 0.20 -11.16
CA PHE A 91 -2.02 -0.86 -10.86
C PHE A 91 -3.45 -0.32 -11.07
N ALA A 92 -3.75 0.90 -10.54
CA ALA A 92 -5.06 1.52 -10.73
C ALA A 92 -5.34 1.73 -12.24
N LYS A 93 -4.37 2.24 -13.01
CA LYS A 93 -4.54 2.46 -14.44
C LYS A 93 -4.81 1.17 -15.22
N ARG A 94 -4.32 0.03 -14.73
CA ARG A 94 -4.58 -1.25 -15.36
C ARG A 94 -5.86 -1.95 -14.87
N LEU A 95 -6.50 -1.42 -13.86
CA LEU A 95 -7.70 -1.99 -13.28
C LEU A 95 -8.93 -1.70 -14.11
N SER A 96 -9.59 -2.77 -14.55
CA SER A 96 -10.81 -2.75 -15.33
C SER A 96 -11.87 -1.83 -14.71
N GLY A 97 -12.27 -0.81 -15.43
CA GLY A 97 -13.27 0.13 -14.95
C GLY A 97 -12.71 1.40 -14.33
N PHE A 98 -11.44 1.39 -13.85
CA PHE A 98 -10.83 2.57 -13.23
C PHE A 98 -10.64 3.73 -14.19
N MET A 99 -10.04 3.48 -15.35
CA MET A 99 -9.83 4.54 -16.33
C MET A 99 -11.10 5.08 -16.97
N GLU A 100 -12.24 4.38 -16.78
CA GLU A 100 -13.57 4.74 -17.26
C GLU A 100 -14.20 5.79 -16.30
N LEU A 101 -13.85 5.75 -14.98
CA LEU A 101 -14.36 6.74 -14.03
C LEU A 101 -13.84 8.13 -14.42
N CYS A 102 -14.53 9.20 -13.98
CA CYS A 102 -14.07 10.56 -14.27
C CYS A 102 -12.73 10.84 -13.57
N GLN A 103 -11.95 11.81 -14.07
CA GLN A 103 -10.66 12.12 -13.48
C GLN A 103 -10.75 12.54 -12.04
N ASN A 104 -11.83 13.24 -11.64
CA ASN A 104 -12.00 13.67 -10.26
C ASN A 104 -12.02 12.46 -9.32
N ASP A 105 -12.80 11.44 -9.72
CA ASP A 105 -12.99 10.21 -9.00
C ASP A 105 -11.74 9.35 -8.99
N GLN A 106 -10.96 9.36 -10.06
CA GLN A 106 -9.69 8.63 -10.11
C GLN A 106 -8.73 9.22 -9.07
N ILE A 107 -8.66 10.56 -9.01
CA ILE A 107 -7.78 11.26 -8.10
C ILE A 107 -8.25 11.10 -6.65
N VAL A 108 -9.57 11.20 -6.39
CA VAL A 108 -10.11 11.02 -5.04
C VAL A 108 -9.76 9.62 -4.50
N LEU A 109 -9.90 8.58 -5.34
CA LEU A 109 -9.59 7.22 -4.97
C LEU A 109 -8.10 6.98 -4.74
N LEU A 110 -7.23 7.55 -5.60
CA LEU A 110 -5.80 7.37 -5.44
C LEU A 110 -5.28 8.13 -4.23
N LYS A 111 -5.80 9.33 -3.99
CA LYS A 111 -5.42 10.13 -2.84
C LYS A 111 -5.76 9.45 -1.48
N ALA A 112 -6.88 8.72 -1.38
CA ALA A 112 -7.23 8.04 -0.15
C ALA A 112 -6.74 6.59 -0.04
N GLY A 113 -6.54 5.92 -1.17
CA GLY A 113 -6.20 4.50 -1.13
C GLY A 113 -4.79 4.12 -1.53
N ALA A 114 -4.02 5.04 -2.13
CA ALA A 114 -2.67 4.71 -2.56
C ALA A 114 -1.77 4.27 -1.41
N MET A 115 -1.75 5.01 -0.28
CA MET A 115 -0.95 4.61 0.88
C MET A 115 -1.50 3.31 1.51
N GLU A 116 -2.82 3.18 1.53
CA GLU A 116 -3.49 1.98 2.03
C GLU A 116 -3.04 0.75 1.24
N VAL A 117 -2.91 0.86 -0.10
CA VAL A 117 -2.46 -0.25 -0.95
C VAL A 117 -0.97 -0.59 -0.67
N VAL A 118 -0.11 0.45 -0.52
CA VAL A 118 1.30 0.28 -0.19
C VAL A 118 1.45 -0.48 1.13
N LEU A 119 0.60 -0.13 2.13
CA LEU A 119 0.64 -0.80 3.42
C LEU A 119 0.26 -2.26 3.36
N VAL A 120 -0.72 -2.66 2.51
CA VAL A 120 -1.08 -4.06 2.36
C VAL A 120 0.04 -4.79 1.58
N ARG A 121 0.56 -4.16 0.50
CA ARG A 121 1.66 -4.76 -0.26
C ARG A 121 2.92 -4.95 0.59
N MET A 122 3.09 -4.13 1.64
CA MET A 122 4.23 -4.20 2.57
C MET A 122 4.37 -5.56 3.28
N CYS A 123 3.27 -6.29 3.49
CA CYS A 123 3.33 -7.60 4.17
C CYS A 123 4.17 -8.62 3.43
N ARG A 124 4.34 -8.46 2.10
CA ARG A 124 5.18 -9.36 1.29
C ARG A 124 6.67 -9.23 1.62
N ALA A 125 7.07 -8.02 2.02
CA ALA A 125 8.43 -7.67 2.41
C ALA A 125 8.67 -7.88 3.90
N TYR A 126 7.69 -8.42 4.63
CA TYR A 126 7.78 -8.63 6.05
C TYR A 126 7.99 -10.12 6.37
N ASN A 127 8.92 -10.41 7.29
CA ASN A 127 9.26 -11.75 7.74
C ASN A 127 8.71 -11.91 9.17
N ALA A 128 7.63 -12.67 9.32
CA ALA A 128 7.02 -12.88 10.63
C ALA A 128 7.88 -13.70 11.61
N ASP A 129 8.78 -14.55 11.09
CA ASP A 129 9.63 -15.37 11.94
C ASP A 129 10.56 -14.55 12.80
N ASN A 130 11.15 -13.47 12.25
CA ASN A 130 12.06 -12.64 13.05
C ASN A 130 11.62 -11.19 13.20
N ARG A 131 10.39 -10.84 12.74
CA ARG A 131 9.81 -9.51 12.84
C ARG A 131 10.64 -8.41 12.15
N THR A 132 11.13 -8.70 10.93
CA THR A 132 11.93 -7.76 10.14
C THR A 132 11.22 -7.40 8.82
N VAL A 133 11.62 -6.27 8.22
CA VAL A 133 11.05 -5.80 6.98
C VAL A 133 12.19 -5.53 6.00
N PHE A 134 11.94 -5.70 4.71
CA PHE A 134 12.94 -5.42 3.68
C PHE A 134 13.01 -3.92 3.52
N PHE A 135 14.21 -3.34 3.54
CA PHE A 135 14.41 -1.91 3.41
C PHE A 135 15.82 -1.67 2.91
N GLU A 136 15.97 -1.15 1.70
CA GLU A 136 17.29 -0.84 1.16
C GLU A 136 18.22 -2.07 1.11
N GLY A 137 17.75 -3.14 0.46
CA GLY A 137 18.53 -4.32 0.18
C GLY A 137 18.66 -5.38 1.24
N LYS A 138 18.26 -5.08 2.47
CA LYS A 138 18.35 -6.04 3.56
C LYS A 138 17.16 -5.93 4.49
N TYR A 139 17.06 -6.90 5.42
CA TYR A 139 16.02 -7.00 6.42
C TYR A 139 16.45 -6.44 7.76
N GLY A 140 15.56 -5.68 8.37
CA GLY A 140 15.83 -5.13 9.69
C GLY A 140 14.55 -4.92 10.49
N GLY A 141 14.69 -4.95 11.80
CA GLY A 141 13.55 -4.76 12.69
C GLY A 141 13.15 -3.30 12.82
N MET A 142 12.11 -3.06 13.62
CA MET A 142 11.54 -1.78 13.97
C MET A 142 12.63 -0.78 14.39
N GLU A 143 13.65 -1.25 15.11
CA GLU A 143 14.69 -0.37 15.64
C GLU A 143 15.53 0.30 14.55
N LEU A 144 15.47 -0.19 13.31
CA LEU A 144 16.17 0.42 12.21
C LEU A 144 15.67 1.85 11.95
N PHE A 145 14.39 2.12 12.27
CA PHE A 145 13.69 3.37 12.02
C PHE A 145 13.59 4.30 13.22
N ARG A 146 14.37 4.06 14.27
CA ARG A 146 14.34 4.86 15.49
C ARG A 146 14.56 6.36 15.26
N ALA A 147 15.44 6.71 14.32
CA ALA A 147 15.73 8.12 14.01
C ALA A 147 14.54 8.92 13.48
N LEU A 148 13.50 8.25 12.93
CA LEU A 148 12.31 8.94 12.42
C LEU A 148 11.58 9.72 13.49
N GLY A 149 11.62 9.23 14.72
CA GLY A 149 10.92 9.85 15.83
C GLY A 149 9.42 9.62 15.75
N CYS A 150 9.01 8.45 15.25
CA CYS A 150 7.59 8.12 15.23
C CYS A 150 7.42 6.63 15.46
N SER A 151 7.98 6.18 16.59
CA SER A 151 8.03 4.78 17.01
C SER A 151 6.68 4.12 17.08
N GLU A 152 5.67 4.86 17.49
CA GLU A 152 4.32 4.34 17.58
C GLU A 152 3.77 3.98 16.16
N LEU A 153 3.99 4.84 15.18
CA LEU A 153 3.58 4.60 13.81
C LEU A 153 4.32 3.38 13.18
N ILE A 154 5.65 3.29 13.31
CA ILE A 154 6.43 2.18 12.75
C ILE A 154 5.94 0.84 13.29
N SER A 155 5.74 0.79 14.58
CA SER A 155 5.22 -0.25 15.44
C SER A 155 3.83 -0.68 14.96
N SER A 156 2.95 0.29 14.69
CA SER A 156 1.63 -0.02 14.16
C SER A 156 1.76 -0.68 12.77
N ILE A 157 2.70 -0.21 11.95
CA ILE A 157 2.94 -0.75 10.60
C ILE A 157 3.44 -2.18 10.67
N PHE A 158 4.36 -2.44 11.60
CA PHE A 158 4.88 -3.77 11.83
C PHE A 158 3.79 -4.74 12.37
N ASP A 159 2.91 -4.25 13.26
CA ASP A 159 1.80 -5.04 13.81
C ASP A 159 0.81 -5.36 12.69
N PHE A 160 0.51 -4.39 11.83
CA PHE A 160 -0.42 -4.57 10.75
C PHE A 160 0.13 -5.61 9.76
N SER A 161 1.42 -5.52 9.46
CA SER A 161 2.09 -6.46 8.57
C SER A 161 2.14 -7.84 9.17
N HIS A 162 2.36 -7.93 10.48
CA HIS A 162 2.38 -9.20 11.19
C HIS A 162 1.01 -9.85 11.16
N SER A 163 -0.05 -9.06 11.35
CA SER A 163 -1.44 -9.51 11.34
C SER A 163 -1.82 -10.00 9.94
N LEU A 164 -1.35 -9.32 8.89
CA LEU A 164 -1.60 -9.74 7.52
C LEU A 164 -0.85 -10.99 7.17
N SER A 165 0.39 -11.10 7.66
CA SER A 165 1.23 -12.27 7.42
C SER A 165 0.60 -13.55 8.03
N ALA A 166 -0.15 -13.42 9.13
CA ALA A 166 -0.82 -14.58 9.75
C ALA A 166 -1.94 -15.19 8.88
N LEU A 167 -2.36 -14.50 7.82
CA LEU A 167 -3.37 -15.01 6.91
C LEU A 167 -2.78 -15.82 5.79
N HIS A 168 -1.44 -15.77 5.55
CA HIS A 168 -0.78 -16.53 4.47
C HIS A 168 -1.42 -16.27 3.11
N PHE A 169 -1.56 -14.99 2.76
CA PHE A 169 -2.15 -14.59 1.50
C PHE A 169 -1.39 -15.13 0.30
N SER A 170 -2.12 -15.58 -0.71
CA SER A 170 -1.53 -15.94 -1.98
C SER A 170 -1.40 -14.60 -2.76
N GLU A 171 -0.65 -14.58 -3.87
CA GLU A 171 -0.51 -13.35 -4.67
C GLU A 171 -1.88 -12.92 -5.23
N ASP A 172 -2.69 -13.89 -5.66
CA ASP A 172 -4.03 -13.62 -6.18
C ASP A 172 -4.94 -13.03 -5.11
N GLU A 173 -4.79 -13.46 -3.84
CA GLU A 173 -5.62 -12.90 -2.78
C GLU A 173 -5.29 -11.46 -2.54
N ILE A 174 -3.96 -11.12 -2.53
CA ILE A 174 -3.48 -9.74 -2.35
C ILE A 174 -3.96 -8.86 -3.50
N ALA A 175 -3.94 -9.39 -4.74
CA ALA A 175 -4.38 -8.63 -5.90
C ALA A 175 -5.85 -8.21 -5.75
N LEU A 176 -6.70 -9.14 -5.38
CA LEU A 176 -8.11 -8.91 -5.24
C LEU A 176 -8.43 -8.02 -4.03
N TYR A 177 -7.77 -8.29 -2.89
CA TYR A 177 -7.93 -7.50 -1.71
C TYR A 177 -7.48 -6.03 -1.93
N THR A 178 -6.29 -5.80 -2.53
CA THR A 178 -5.84 -4.42 -2.80
C THR A 178 -6.68 -3.69 -3.85
N ALA A 179 -7.31 -4.42 -4.78
CA ALA A 179 -8.21 -3.80 -5.75
C ALA A 179 -9.43 -3.21 -5.02
N LEU A 180 -9.93 -3.93 -3.98
CA LEU A 180 -11.04 -3.49 -3.17
C LEU A 180 -10.67 -2.39 -2.18
N VAL A 181 -9.41 -2.36 -1.71
CA VAL A 181 -8.91 -1.28 -0.85
C VAL A 181 -8.99 0.05 -1.65
N LEU A 182 -8.59 0.00 -2.92
CA LEU A 182 -8.57 1.12 -3.84
C LEU A 182 -9.96 1.52 -4.34
N ILE A 183 -10.78 0.56 -4.77
CA ILE A 183 -12.11 0.86 -5.31
C ILE A 183 -13.11 0.81 -4.18
N ASN A 184 -13.22 1.92 -3.48
CA ASN A 184 -14.08 2.09 -2.31
C ASN A 184 -15.11 3.16 -2.69
N ALA A 185 -16.40 2.81 -2.74
CA ALA A 185 -17.45 3.77 -3.08
C ALA A 185 -17.88 4.68 -1.93
N HIS A 186 -17.23 4.59 -0.77
CA HIS A 186 -17.56 5.44 0.37
C HIS A 186 -16.62 6.63 0.54
N ARG A 187 -15.60 6.77 -0.31
CA ARG A 187 -14.67 7.90 -0.20
C ARG A 187 -15.40 9.21 -0.40
N PRO A 188 -15.26 10.14 0.55
CA PRO A 188 -15.86 11.47 0.37
C PRO A 188 -15.27 12.17 -0.86
N GLY A 189 -16.09 12.89 -1.60
CA GLY A 189 -15.64 13.63 -2.78
C GLY A 189 -15.90 12.99 -4.11
N LEU A 190 -16.46 11.78 -4.10
CA LEU A 190 -16.78 11.07 -5.31
C LEU A 190 -18.01 11.68 -5.94
N GLN A 191 -17.90 12.04 -7.23
CA GLN A 191 -18.99 12.63 -7.99
C GLN A 191 -19.95 11.55 -8.53
N GLU A 192 -19.41 10.53 -9.23
CA GLU A 192 -20.21 9.42 -9.77
C GLU A 192 -20.11 8.21 -8.82
N LYS A 193 -20.70 8.34 -7.62
CA LYS A 193 -20.72 7.33 -6.56
C LYS A 193 -21.27 5.97 -7.03
N ARG A 194 -22.36 5.96 -7.82
CA ARG A 194 -22.99 4.72 -8.30
C ARG A 194 -22.07 3.93 -9.20
N LYS A 195 -21.29 4.62 -10.03
CA LYS A 195 -20.36 3.96 -10.93
C LYS A 195 -19.24 3.27 -10.14
N VAL A 196 -18.78 3.90 -9.04
CA VAL A 196 -17.76 3.28 -8.19
C VAL A 196 -18.40 2.11 -7.40
N GLU A 197 -19.67 2.24 -6.97
CA GLU A 197 -20.41 1.19 -6.27
C GLU A 197 -20.53 -0.05 -7.16
N GLN A 198 -20.79 0.13 -8.46
CA GLN A 198 -20.93 -1.01 -9.36
C GLN A 198 -19.61 -1.75 -9.47
N LEU A 199 -18.51 -1.01 -9.68
CA LEU A 199 -17.18 -1.58 -9.80
C LEU A 199 -16.74 -2.23 -8.50
N GLN A 200 -17.03 -1.64 -7.33
CA GLN A 200 -16.71 -2.24 -6.05
C GLN A 200 -17.45 -3.57 -5.89
N TYR A 201 -18.74 -3.57 -6.22
CA TYR A 201 -19.57 -4.77 -6.13
C TYR A 201 -19.04 -5.91 -7.04
N ASN A 202 -18.62 -5.58 -8.29
CA ASN A 202 -18.06 -6.60 -9.19
C ASN A 202 -16.77 -7.18 -8.64
N LEU A 203 -15.90 -6.31 -8.09
CA LEU A 203 -14.65 -6.77 -7.49
C LEU A 203 -14.91 -7.58 -6.20
N GLU A 204 -15.97 -7.26 -5.46
CA GLU A 204 -16.33 -7.99 -4.24
C GLU A 204 -16.75 -9.41 -4.61
N LEU A 205 -17.58 -9.54 -5.66
CA LEU A 205 -18.05 -10.82 -6.18
C LEU A 205 -16.83 -11.62 -6.63
N ALA A 206 -15.89 -10.98 -7.37
CA ALA A 206 -14.67 -11.64 -7.85
C ALA A 206 -13.82 -12.14 -6.68
N PHE A 207 -13.65 -11.32 -5.65
CA PHE A 207 -12.86 -11.72 -4.48
C PHE A 207 -13.53 -12.88 -3.74
N HIS A 208 -14.83 -12.75 -3.42
CA HIS A 208 -15.56 -13.80 -2.71
C HIS A 208 -15.70 -15.08 -3.54
N HIS A 209 -15.86 -14.96 -4.84
CA HIS A 209 -15.90 -16.10 -5.74
C HIS A 209 -14.56 -16.87 -5.72
N HIS A 210 -13.44 -16.13 -5.82
CA HIS A 210 -12.13 -16.75 -5.77
C HIS A 210 -11.88 -17.40 -4.39
N LEU A 211 -12.35 -16.77 -3.30
CA LEU A 211 -12.19 -17.37 -1.96
C LEU A 211 -13.00 -18.63 -1.81
N CYS A 212 -14.22 -18.65 -2.31
CA CYS A 212 -15.10 -19.81 -2.24
C CYS A 212 -14.51 -20.97 -3.10
N LYS A 213 -14.06 -20.68 -4.33
CA LYS A 213 -13.50 -21.69 -5.22
C LYS A 213 -12.26 -22.39 -4.64
N THR A 214 -11.42 -21.62 -3.93
CA THR A 214 -10.18 -22.13 -3.35
C THR A 214 -10.29 -22.50 -1.87
N HIS A 215 -11.50 -22.62 -1.34
CA HIS A 215 -11.72 -22.99 0.07
C HIS A 215 -10.98 -22.07 1.05
N ARG A 216 -11.12 -20.75 0.84
CA ARG A 216 -10.46 -19.74 1.67
C ARG A 216 -11.43 -18.68 2.23
N GLN A 217 -12.74 -18.97 2.32
CA GLN A 217 -13.68 -17.98 2.90
C GLN A 217 -13.44 -17.72 4.39
N SER A 218 -12.66 -18.59 5.07
CA SER A 218 -12.31 -18.43 6.47
C SER A 218 -11.49 -17.15 6.74
N ILE A 219 -10.75 -16.63 5.74
CA ILE A 219 -10.01 -15.39 5.92
C ILE A 219 -10.92 -14.14 6.01
N LEU A 220 -12.18 -14.24 5.61
CA LEU A 220 -13.09 -13.08 5.62
C LEU A 220 -13.28 -12.47 6.99
N ALA A 221 -13.50 -13.32 8.01
CA ALA A 221 -13.65 -12.81 9.37
C ALA A 221 -12.33 -12.28 9.96
N LYS A 222 -11.19 -12.71 9.40
CA LYS A 222 -9.88 -12.34 9.87
C LYS A 222 -9.26 -11.12 9.14
N LEU A 223 -9.90 -10.63 8.05
CA LEU A 223 -9.42 -9.42 7.35
C LEU A 223 -9.52 -8.22 8.30
N PRO A 224 -8.50 -7.35 8.31
CA PRO A 224 -8.52 -6.22 9.26
C PRO A 224 -9.73 -5.30 9.06
N PRO A 225 -10.28 -4.70 10.13
CA PRO A 225 -11.38 -3.74 9.93
C PRO A 225 -10.93 -2.56 9.06
N LYS A 226 -11.84 -1.98 8.26
CA LYS A 226 -11.44 -0.87 7.36
C LYS A 226 -10.84 0.34 8.12
N GLY A 227 -11.24 0.50 9.38
CA GLY A 227 -10.76 1.57 10.25
C GLY A 227 -9.31 1.44 10.66
N LYS A 228 -8.73 0.24 10.52
CA LYS A 228 -7.32 0.06 10.87
C LYS A 228 -6.39 0.69 9.80
N LEU A 229 -6.69 0.47 8.51
CA LEU A 229 -5.89 1.04 7.41
C LEU A 229 -5.99 2.57 7.44
N ARG A 230 -7.21 3.09 7.70
CA ARG A 230 -7.48 4.52 7.82
C ARG A 230 -6.71 5.11 9.00
N SER A 231 -6.62 4.37 10.11
CA SER A 231 -5.86 4.81 11.28
C SER A 231 -4.36 4.92 10.98
N LEU A 232 -3.77 3.98 10.23
CA LEU A 232 -2.36 4.05 9.86
C LEU A 232 -2.07 5.23 8.94
N CYS A 233 -2.95 5.48 7.99
CA CYS A 233 -2.79 6.62 7.08
C CYS A 233 -2.96 7.93 7.75
N SER A 234 -3.86 8.00 8.74
CA SER A 234 -4.09 9.20 9.52
C SER A 234 -2.87 9.49 10.39
N GLN A 235 -2.29 8.47 11.05
CA GLN A 235 -1.08 8.63 11.86
C GLN A 235 0.07 9.10 10.99
N HIS A 236 0.17 8.59 9.75
CA HIS A 236 1.20 9.01 8.81
C HIS A 236 1.07 10.51 8.50
N VAL A 237 -0.16 10.99 8.25
CA VAL A 237 -0.36 12.40 7.93
C VAL A 237 -0.02 13.28 9.15
N GLU A 238 -0.37 12.82 10.37
CA GLU A 238 -0.08 13.57 11.58
C GLU A 238 1.42 13.62 11.89
N ARG A 239 2.14 12.49 11.76
CA ARG A 239 3.58 12.50 12.01
C ARG A 239 4.34 13.33 10.98
N LEU A 240 3.85 13.36 9.72
CA LEU A 240 4.43 14.16 8.67
C LEU A 240 4.26 15.63 9.01
N GLN A 241 3.09 16.04 9.55
CA GLN A 241 2.86 17.44 9.92
C GLN A 241 3.78 17.88 11.04
N ILE A 242 4.03 16.98 12.02
CA ILE A 242 4.94 17.27 13.13
C ILE A 242 6.35 17.51 12.57
N PHE A 243 6.81 16.61 11.70
CA PHE A 243 8.12 16.74 11.10
C PHE A 243 8.21 17.97 10.18
N GLN A 244 7.18 18.27 9.40
CA GLN A 244 7.18 19.42 8.47
C GLN A 244 7.17 20.77 9.23
N HIS A 245 6.56 20.79 10.43
CA HIS A 245 6.55 21.99 11.28
C HIS A 245 8.00 22.25 11.80
N LEU A 246 8.74 21.18 12.11
CA LEU A 246 10.12 21.31 12.56
C LEU A 246 11.11 21.55 11.40
N HIS A 247 10.83 21.01 10.21
CA HIS A 247 11.74 21.14 9.07
C HIS A 247 11.00 21.53 7.78
N PRO A 248 10.39 22.72 7.71
CA PRO A 248 9.63 23.09 6.50
C PRO A 248 10.46 23.14 5.22
N ILE A 249 11.72 23.60 5.30
CA ILE A 249 12.52 23.72 4.11
C ILE A 249 12.97 22.35 3.64
N VAL A 250 13.18 21.37 4.54
CA VAL A 250 13.55 19.99 4.14
C VAL A 250 12.44 19.39 3.29
N VAL A 251 11.19 19.49 3.73
CA VAL A 251 10.04 18.99 2.97
C VAL A 251 9.92 19.72 1.63
N GLN A 252 10.05 21.05 1.65
CA GLN A 252 9.94 21.86 0.45
C GLN A 252 11.06 21.58 -0.58
N ALA A 253 12.29 21.42 -0.11
CA ALA A 253 13.42 21.19 -0.98
C ALA A 253 13.78 19.74 -1.31
N ALA A 254 13.53 18.78 -0.40
CA ALA A 254 14.04 17.43 -0.59
C ALA A 254 13.00 16.28 -0.61
N PHE A 255 11.71 16.58 -0.41
CA PHE A 255 10.69 15.53 -0.46
C PHE A 255 10.13 15.45 -1.87
N PRO A 256 9.80 14.24 -2.33
CA PRO A 256 9.27 14.09 -3.68
C PRO A 256 7.96 14.88 -3.89
N PRO A 257 7.87 15.59 -5.02
CA PRO A 257 6.64 16.34 -5.30
C PRO A 257 5.34 15.53 -5.13
N LEU A 258 5.32 14.28 -5.61
CA LEU A 258 4.11 13.45 -5.52
C LEU A 258 3.72 13.15 -4.06
N TYR A 259 4.72 12.94 -3.18
CA TYR A 259 4.49 12.66 -1.77
C TYR A 259 3.83 13.87 -1.13
N LYS A 260 4.34 15.08 -1.41
CA LYS A 260 3.81 16.31 -0.84
C LYS A 260 2.37 16.55 -1.29
N GLU A 261 2.08 16.29 -2.56
CA GLU A 261 0.72 16.46 -3.09
C GLU A 261 -0.29 15.51 -2.40
N LEU A 262 0.14 14.27 -2.10
CA LEU A 262 -0.74 13.32 -1.48
C LEU A 262 -0.93 13.51 0.02
N PHE A 263 0.15 13.86 0.72
CA PHE A 263 0.15 13.82 2.16
C PHE A 263 0.41 15.11 2.88
N SER A 264 1.11 16.02 2.24
CA SER A 264 1.47 17.31 2.87
C SER A 264 0.35 18.33 2.68
N LYS A 277 0.34 19.38 -9.13
CA LYS A 277 -0.63 18.32 -9.41
C LYS A 277 -0.04 17.22 -10.33
N ILE A 278 0.88 16.41 -9.76
CA ILE A 278 1.63 15.30 -10.38
C ILE A 278 0.68 14.17 -10.79
N LEU A 279 -0.34 13.92 -9.97
CA LEU A 279 -1.29 12.84 -10.21
C LEU A 279 -2.03 12.93 -11.55
N HIS A 280 -2.53 14.13 -11.94
CA HIS A 280 -3.21 14.33 -13.22
C HIS A 280 -2.32 13.93 -14.39
N ARG A 281 -1.02 14.24 -14.30
CA ARG A 281 -0.03 13.93 -15.32
C ARG A 281 0.27 12.43 -15.36
N LEU A 282 0.46 11.80 -14.18
CA LEU A 282 0.70 10.35 -14.08
C LEU A 282 -0.49 9.58 -14.66
N LEU A 283 -1.72 10.05 -14.42
CA LEU A 283 -2.91 9.39 -14.92
C LEU A 283 -3.10 9.51 -16.44
N GLN A 284 -2.56 10.57 -17.04
CA GLN A 284 -2.60 10.79 -18.48
C GLN A 284 -1.26 10.35 -19.05
N GLU A 285 -1.10 9.06 -19.36
CA GLU A 285 0.16 8.56 -19.91
C GLU A 285 -0.10 7.45 -20.93
#